data_4RK6
#
_entry.id   4RK6
#
_cell.length_a   102.564
_cell.length_b   102.564
_cell.length_c   128.055
_cell.angle_alpha   90.00
_cell.angle_beta   90.00
_cell.angle_gamma   90.00
#
_symmetry.space_group_name_H-M   'P 43 21 2'
#
loop_
_entity.id
_entity.type
_entity.pdbx_description
1 polymer 'Glucose-resistance amylase regulator'
2 non-polymer alpha-D-glucopyranose
3 water water
#
_entity_poly.entity_id   1
_entity_poly.type   'polypeptide(L)'
_entity_poly.pdbx_seq_one_letter_code
;S(MSE)ADLSSKRSRVVGVVVPLIHTNFADEIIKGLYETTISSGYELLITYLDEDEDHQYQVFQTLLSRQVGAVF(MSE)
LSLDIPSW(MSE)IDKLLEEQISVISLTALLSEQISAVTSNEFE(MSE)(MSE)NSIVDYLID(MSE)GHKNIALVGDTK
LTTNISSTRRTNFIKS(MSE)TDHNLAYENIFLYGNDHSYETGYTSVTTGYDINQLPFTAAIATAD(MSE)VGQGLINA
(MSE)SDHGKTVPEDLSIVTIDGLQQTEIARPKLTTVKQDFPEIGRIA(MSE)QLFLDSDSEKTEPQIIYIPTELIQRDS
VLNLNSTK
;
_entity_poly.pdbx_strand_id   A,B
#
loop_
_chem_comp.id
_chem_comp.type
_chem_comp.name
_chem_comp.formula
GLC D-saccharide, alpha linking alpha-D-glucopyranose 'C6 H12 O6'
#
# COMPACT_ATOMS: atom_id res chain seq x y z
N ARG A 11 25.59 -3.85 13.84
CA ARG A 11 25.16 -2.58 13.19
C ARG A 11 23.81 -2.75 12.49
N VAL A 12 22.78 -3.02 13.29
CA VAL A 12 21.43 -3.24 12.80
C VAL A 12 20.43 -2.45 13.66
N VAL A 13 19.39 -1.91 13.02
CA VAL A 13 18.22 -1.32 13.71
C VAL A 13 16.96 -2.05 13.29
N GLY A 14 15.98 -2.09 14.19
CA GLY A 14 14.72 -2.77 13.91
C GLY A 14 13.59 -1.78 13.81
N VAL A 15 12.57 -2.14 13.06
CA VAL A 15 11.36 -1.32 12.95
C VAL A 15 10.20 -2.26 13.17
N VAL A 16 9.28 -1.84 14.04
CA VAL A 16 8.12 -2.66 14.40
C VAL A 16 6.93 -1.98 13.75
N VAL A 17 6.29 -2.71 12.84
CA VAL A 17 5.15 -2.23 12.06
C VAL A 17 3.89 -3.03 12.46
N PRO A 18 2.77 -2.35 12.66
CA PRO A 18 1.53 -3.11 12.93
C PRO A 18 1.08 -3.93 11.72
N LEU A 19 0.49 -5.09 11.96
CA LEU A 19 -0.05 -5.89 10.85
C LEU A 19 -1.08 -5.09 10.05
N ILE A 20 -1.91 -4.33 10.75
CA ILE A 20 -2.93 -3.48 10.14
C ILE A 20 -2.44 -2.03 10.07
N HIS A 21 -2.03 -1.59 8.89
CA HIS A 21 -1.47 -0.25 8.73
C HIS A 21 -1.90 0.40 7.42
N THR A 22 -2.08 1.73 7.46
CA THR A 22 -2.19 2.53 6.24
C THR A 22 -0.84 2.37 5.50
N ASN A 23 -0.80 2.84 4.25
CA ASN A 23 0.46 2.89 3.50
C ASN A 23 1.49 3.90 4.02
N PHE A 24 1.24 4.55 5.15
CA PHE A 24 2.24 5.48 5.67
C PHE A 24 3.52 4.77 6.08
N ALA A 25 3.42 3.50 6.49
CA ALA A 25 4.60 2.76 6.99
C ALA A 25 5.72 2.68 5.96
N ASP A 26 5.36 2.31 4.73
CA ASP A 26 6.30 2.22 3.64
C ASP A 26 7.07 3.53 3.42
N GLU A 27 6.37 4.66 3.54
CA GLU A 27 6.99 5.98 3.37
C GLU A 27 7.96 6.31 4.51
N ILE A 28 7.56 5.97 5.73
CA ILE A 28 8.47 6.11 6.86
C ILE A 28 9.69 5.23 6.65
N ILE A 29 9.48 3.99 6.21
CA ILE A 29 10.55 3.03 6.02
C ILE A 29 11.54 3.52 4.95
N LYS A 30 11.02 4.17 3.92
CA LYS A 30 11.87 4.75 2.87
C LYS A 30 12.86 5.74 3.47
N GLY A 31 12.38 6.57 4.40
CA GLY A 31 13.23 7.54 5.09
C GLY A 31 14.25 6.89 6.01
N LEU A 32 13.78 5.96 6.83
CA LEU A 32 14.66 5.19 7.71
C LEU A 32 15.79 4.54 6.93
N TYR A 33 15.41 3.90 5.83
CA TYR A 33 16.31 3.18 4.97
C TYR A 33 17.40 4.06 4.38
N GLU A 34 17.02 5.22 3.84
CA GLU A 34 18.03 6.12 3.31
C GLU A 34 19.07 6.56 4.35
N THR A 35 18.65 6.75 5.60
CA THR A 35 19.60 7.17 6.63
C THR A 35 20.41 6.00 7.18
N THR A 36 19.81 4.81 7.27
CA THR A 36 20.55 3.62 7.69
C THR A 36 21.61 3.25 6.66
N ILE A 37 21.23 3.34 5.38
CA ILE A 37 22.13 2.98 4.29
C ILE A 37 23.42 3.83 4.35
N SER A 38 23.26 5.13 4.53
CA SER A 38 24.39 6.03 4.49
C SER A 38 25.18 6.04 5.80
N SER A 39 24.66 5.45 6.86
CA SER A 39 25.41 5.33 8.11
C SER A 39 26.00 3.93 8.32
N GLY A 40 25.83 3.03 7.36
CA GLY A 40 26.38 1.67 7.50
C GLY A 40 25.60 0.72 8.40
N TYR A 41 24.31 1.00 8.59
CA TYR A 41 23.41 0.12 9.34
C TYR A 41 22.54 -0.63 8.37
N GLU A 42 22.03 -1.75 8.85
CA GLU A 42 21.03 -2.50 8.15
C GLU A 42 19.72 -2.41 8.92
N LEU A 43 18.63 -2.56 8.18
CA LEU A 43 17.29 -2.37 8.70
C LEU A 43 16.52 -3.70 8.73
N LEU A 44 16.07 -4.12 9.91
CA LEU A 44 15.21 -5.32 10.05
C LEU A 44 13.79 -4.84 10.26
N ILE A 45 12.85 -5.37 9.48
CA ILE A 45 11.45 -5.02 9.62
C ILE A 45 10.69 -6.23 10.17
N THR A 46 9.89 -5.98 11.20
CA THR A 46 9.12 -7.03 11.84
C THR A 46 7.69 -6.51 11.98
N TYR A 47 6.72 -7.41 11.95
CA TYR A 47 5.33 -7.05 12.17
C TYR A 47 4.87 -7.47 13.56
N LEU A 48 3.89 -6.74 14.06
CA LEU A 48 3.35 -6.97 15.40
C LEU A 48 1.83 -7.10 15.32
N ASP A 49 1.30 -8.20 15.83
CA ASP A 49 -0.16 -8.38 15.92
C ASP A 49 -0.63 -8.08 17.35
N GLU A 50 -1.88 -8.42 17.66
CA GLU A 50 -2.48 -8.05 18.95
C GLU A 50 -2.35 -9.15 20.02
N ASP A 51 -1.56 -10.18 19.75
CA ASP A 51 -1.48 -11.36 20.59
C ASP A 51 -0.24 -11.25 21.43
N GLU A 52 -0.41 -11.07 22.73
CA GLU A 52 0.75 -10.87 23.61
C GLU A 52 1.85 -11.93 23.47
N ASP A 53 1.49 -13.19 23.23
CA ASP A 53 2.50 -14.26 23.07
C ASP A 53 3.31 -14.15 21.77
N HIS A 54 2.68 -13.68 20.69
CA HIS A 54 3.42 -13.45 19.44
C HIS A 54 4.31 -12.22 19.62
N GLN A 55 3.81 -11.23 20.35
CA GLN A 55 4.58 -10.03 20.64
C GLN A 55 5.88 -10.37 21.34
N TYR A 56 5.82 -11.29 22.30
CA TYR A 56 7.02 -11.67 23.02
C TYR A 56 8.06 -12.35 22.11
N GLN A 57 7.60 -13.15 21.14
CA GLN A 57 8.50 -13.78 20.16
C GLN A 57 9.21 -12.73 19.32
N VAL A 58 8.46 -11.73 18.85
CA VAL A 58 9.02 -10.58 18.13
C VAL A 58 10.11 -9.92 18.95
N PHE A 59 9.85 -9.72 20.23
CA PHE A 59 10.85 -9.13 21.10
C PHE A 59 12.10 -10.00 21.17
N GLN A 60 11.92 -11.31 21.33
CA GLN A 60 13.08 -12.22 21.34
C GLN A 60 13.92 -12.13 20.06
N THR A 61 13.25 -11.91 18.91
CA THR A 61 13.89 -11.70 17.60
C THR A 61 14.68 -10.38 17.54
N LEU A 62 14.16 -9.35 18.21
CA LEU A 62 14.87 -8.06 18.29
C LEU A 62 16.15 -8.12 19.10
N LEU A 63 16.15 -8.61 20.35
CA LEU A 63 17.43 -8.66 21.09
C LEU A 63 18.40 -9.76 20.62
N SER A 64 17.88 -10.84 20.06
CA SER A 64 18.75 -11.91 19.51
C SER A 64 19.48 -11.48 18.23
N ARG A 65 18.91 -10.52 17.50
CA ARG A 65 19.55 -9.92 16.33
C ARG A 65 20.40 -8.70 16.74
N GLN A 66 20.49 -8.44 18.04
CA GLN A 66 21.41 -7.46 18.61
C GLN A 66 21.21 -6.07 18.00
N VAL A 67 19.95 -5.66 17.89
CA VAL A 67 19.66 -4.35 17.30
C VAL A 67 20.15 -3.25 18.23
N GLY A 68 20.62 -2.17 17.65
CA GLY A 68 21.04 -1.00 18.42
C GLY A 68 19.88 -0.10 18.80
N ALA A 69 18.80 -0.19 18.02
CA ALA A 69 17.65 0.69 18.17
C ALA A 69 16.45 0.02 17.61
N VAL A 70 15.28 0.38 18.13
CA VAL A 70 14.02 -0.13 17.63
C VAL A 70 13.12 1.06 17.43
N PHE A 71 12.59 1.18 16.24
CA PHE A 71 11.68 2.22 15.88
C PHE A 71 10.28 1.68 15.91
N MSE A 72 9.41 2.35 16.67
CA MSE A 72 8.03 1.93 16.85
CA MSE A 72 8.03 1.90 16.80
C MSE A 72 7.10 2.83 16.06
O MSE A 72 7.12 4.03 16.24
CB MSE A 72 7.67 2.05 18.33
CB MSE A 72 7.61 1.82 18.26
CG MSE A 72 8.69 1.33 19.18
CG MSE A 72 7.99 0.47 18.82
SE MSE A 72 8.40 -0.62 19.05
SE MSE A 72 8.26 0.81 20.75
CE MSE A 72 9.61 -1.15 20.51
CE MSE A 72 9.30 -0.81 21.09
N LEU A 73 6.24 2.25 15.22
CA LEU A 73 5.28 3.03 14.43
C LEU A 73 3.86 2.98 15.00
N SER A 74 3.54 1.90 15.72
CA SER A 74 2.19 1.68 16.24
CA SER A 74 2.20 1.67 16.25
C SER A 74 1.91 2.59 17.43
N LEU A 75 0.64 2.69 17.81
CA LEU A 75 0.26 3.35 19.04
C LEU A 75 0.01 2.29 20.12
N ASP A 76 0.14 1.01 19.74
CA ASP A 76 -0.38 -0.13 20.50
C ASP A 76 0.73 -1.02 21.14
N ILE A 77 1.93 -0.50 21.33
CA ILE A 77 3.03 -1.32 21.81
C ILE A 77 2.87 -1.55 23.31
N PRO A 78 3.05 -2.79 23.77
CA PRO A 78 2.96 -3.00 25.22
C PRO A 78 4.11 -2.35 25.98
N SER A 79 3.81 -1.78 27.16
CA SER A 79 4.83 -1.14 27.97
C SER A 79 6.01 -2.05 28.29
N TRP A 80 5.75 -3.35 28.51
CA TRP A 80 6.81 -4.27 28.86
C TRP A 80 7.85 -4.41 27.75
N MSE A 81 7.44 -4.25 26.49
CA MSE A 81 8.39 -4.33 25.36
C MSE A 81 9.33 -3.15 25.35
O MSE A 81 10.51 -3.31 25.18
CB MSE A 81 7.67 -4.42 23.99
CG MSE A 81 8.66 -4.74 22.86
SE MSE A 81 7.63 -4.78 21.18
CE MSE A 81 6.63 -6.40 21.65
N ILE A 82 8.77 -1.96 25.58
CA ILE A 82 9.57 -0.73 25.64
C ILE A 82 10.53 -0.85 26.81
N ASP A 83 10.01 -1.18 27.98
CA ASP A 83 10.87 -1.39 29.15
C ASP A 83 11.95 -2.45 28.94
N LYS A 84 11.59 -3.64 28.45
CA LYS A 84 12.59 -4.69 28.26
C LYS A 84 13.69 -4.27 27.26
N LEU A 85 13.32 -3.55 26.23
CA LEU A 85 14.34 -3.10 25.25
C LEU A 85 15.25 -2.06 25.87
N LEU A 86 14.67 -1.06 26.54
CA LEU A 86 15.49 -0.06 27.19
C LEU A 86 16.44 -0.68 28.21
N GLU A 87 15.95 -1.71 28.91
CA GLU A 87 16.73 -2.39 29.94
C GLU A 87 17.84 -3.25 29.36
N GLU A 88 17.78 -3.52 28.05
CA GLU A 88 18.90 -4.19 27.33
C GLU A 88 19.84 -3.18 26.68
N GLN A 89 19.68 -1.89 27.02
CA GLN A 89 20.49 -0.79 26.49
C GLN A 89 20.27 -0.61 24.95
N ILE A 90 19.07 -0.91 24.50
CA ILE A 90 18.65 -0.68 23.11
C ILE A 90 17.83 0.61 23.09
N SER A 91 18.14 1.50 22.15
CA SER A 91 17.40 2.73 22.00
C SER A 91 16.02 2.45 21.43
N VAL A 92 15.04 3.15 21.95
CA VAL A 92 13.67 2.99 21.47
C VAL A 92 13.18 4.37 21.15
N ILE A 93 12.66 4.55 19.93
CA ILE A 93 12.16 5.81 19.46
C ILE A 93 10.82 5.56 18.79
N SER A 94 9.83 6.37 19.08
CA SER A 94 8.51 6.20 18.45
C SER A 94 8.27 7.25 17.35
N LEU A 95 7.52 6.82 16.33
CA LEU A 95 7.31 7.59 15.11
C LEU A 95 5.81 7.78 14.85
N THR A 96 5.42 9.04 14.69
CA THR A 96 4.04 9.48 14.43
C THR A 96 3.16 9.38 15.68
N ALA A 97 3.77 9.08 16.82
CA ALA A 97 3.04 8.85 18.04
C ALA A 97 4.01 8.96 19.20
N LEU A 98 3.50 9.42 20.34
CA LEU A 98 4.29 9.55 21.53
C LEU A 98 3.89 8.39 22.45
N LEU A 99 4.63 7.28 22.34
CA LEU A 99 4.28 6.03 23.01
C LEU A 99 4.53 6.05 24.51
N SER A 100 5.64 6.64 24.92
CA SER A 100 6.01 6.68 26.32
C SER A 100 6.82 7.92 26.63
N GLU A 101 6.57 8.46 27.82
CA GLU A 101 7.38 9.53 28.41
C GLU A 101 8.87 9.19 28.56
N GLN A 102 9.18 7.90 28.55
CA GLN A 102 10.54 7.39 28.70
C GLN A 102 11.38 7.53 27.43
N ILE A 103 10.72 7.77 26.28
CA ILE A 103 11.42 7.71 25.00
C ILE A 103 11.20 8.93 24.13
N SER A 104 12.09 9.14 23.17
CA SER A 104 11.93 10.24 22.23
C SER A 104 10.95 9.85 21.12
N ALA A 105 10.42 10.87 20.46
CA ALA A 105 9.41 10.64 19.42
C ALA A 105 9.64 11.63 18.31
N VAL A 106 9.37 11.19 17.09
CA VAL A 106 9.36 12.10 15.95
C VAL A 106 8.00 11.98 15.28
N THR A 107 7.35 13.11 15.07
CA THR A 107 5.94 13.13 14.67
C THR A 107 5.56 14.45 14.03
N SER A 108 4.52 14.41 13.21
CA SER A 108 3.82 15.64 12.85
C SER A 108 3.13 16.12 14.11
N ASN A 109 2.93 17.42 14.24
CA ASN A 109 2.21 17.97 15.36
C ASN A 109 0.70 17.82 15.18
N GLU A 110 0.11 16.95 15.98
CA GLU A 110 -1.30 16.56 15.77
C GLU A 110 -2.27 17.72 15.93
N PHE A 111 -2.10 18.56 16.96
CA PHE A 111 -3.04 19.64 17.11
C PHE A 111 -2.90 20.66 15.98
N GLU A 112 -1.67 20.97 15.59
CA GLU A 112 -1.45 21.90 14.48
C GLU A 112 -2.09 21.40 13.19
N MSE A 113 -1.93 20.10 12.91
CA MSE A 113 -2.58 19.51 11.70
C MSE A 113 -4.05 19.73 11.76
O MSE A 113 -4.64 20.31 10.82
CB MSE A 113 -2.34 18.01 11.56
CG MSE A 113 -0.90 17.70 11.16
SE MSE A 113 -0.82 15.85 10.50
CE MSE A 113 -0.90 14.94 12.25
N MSE A 114 -4.66 19.32 12.87
CA MSE A 114 -6.12 19.41 12.98
C MSE A 114 -6.61 20.82 12.98
O MSE A 114 -7.60 21.15 12.32
CB MSE A 114 -6.60 18.73 14.26
CG MSE A 114 -8.12 18.76 14.37
SE MSE A 114 -8.96 17.60 13.01
CE MSE A 114 -8.21 15.93 13.65
N ASN A 115 -5.94 21.67 13.72
CA ASN A 115 -6.32 23.05 13.77
C ASN A 115 -6.21 23.77 12.41
N SER A 116 -5.19 23.42 11.61
CA SER A 116 -5.06 23.99 10.27
CA SER A 116 -5.08 24.00 10.29
C SER A 116 -6.26 23.61 9.41
N ILE A 117 -6.77 22.40 9.57
CA ILE A 117 -7.87 21.94 8.72
C ILE A 117 -9.17 22.64 9.13
N VAL A 118 -9.42 22.71 10.43
CA VAL A 118 -10.61 23.35 10.94
C VAL A 118 -10.59 24.83 10.57
N ASP A 119 -9.44 25.48 10.72
CA ASP A 119 -9.32 26.89 10.36
C ASP A 119 -9.67 27.15 8.89
N TYR A 120 -9.14 26.30 8.02
CA TYR A 120 -9.41 26.38 6.60
C TYR A 120 -10.89 26.15 6.29
N LEU A 121 -11.46 25.10 6.85
CA LEU A 121 -12.86 24.80 6.55
C LEU A 121 -13.80 25.92 7.03
N ILE A 122 -13.52 26.48 8.19
CA ILE A 122 -14.32 27.60 8.71
C ILE A 122 -14.12 28.85 7.84
N ASP A 123 -12.90 29.12 7.42
CA ASP A 123 -12.61 30.20 6.46
C ASP A 123 -13.39 30.02 5.13
N MSE A 124 -13.61 28.76 4.74
CA MSE A 124 -14.35 28.44 3.52
C MSE A 124 -15.84 28.40 3.75
O MSE A 124 -16.59 28.05 2.85
CB MSE A 124 -13.85 27.10 2.96
CG MSE A 124 -12.42 27.11 2.47
SE MSE A 124 -12.12 28.30 0.93
CE MSE A 124 -12.71 27.00 -0.45
N GLY A 125 -16.29 28.74 4.97
CA GLY A 125 -17.71 28.95 5.27
C GLY A 125 -18.46 27.79 5.90
N HIS A 126 -17.72 26.74 6.27
CA HIS A 126 -18.30 25.57 6.91
C HIS A 126 -18.39 25.80 8.42
N LYS A 127 -19.49 25.31 8.99
CA LYS A 127 -19.76 25.37 10.43
C LYS A 127 -20.08 24.00 11.02
N ASN A 128 -20.90 23.25 10.31
CA ASN A 128 -21.22 21.89 10.72
C ASN A 128 -20.27 20.90 10.08
N ILE A 129 -19.41 20.29 10.90
CA ILE A 129 -18.25 19.53 10.40
C ILE A 129 -18.14 18.19 11.11
N ALA A 130 -17.89 17.14 10.35
CA ALA A 130 -17.71 15.81 10.90
C ALA A 130 -16.22 15.38 10.88
N LEU A 131 -15.82 14.65 11.91
CA LEU A 131 -14.57 13.90 11.89
C LEU A 131 -14.94 12.45 11.63
N VAL A 132 -14.37 11.89 10.56
CA VAL A 132 -14.70 10.52 10.11
C VAL A 132 -13.43 9.70 10.03
N GLY A 133 -13.44 8.52 10.64
CA GLY A 133 -12.29 7.65 10.66
C GLY A 133 -12.11 7.03 12.03
N ASP A 134 -10.90 7.11 12.55
CA ASP A 134 -10.62 6.59 13.89
C ASP A 134 -10.97 7.66 14.93
N THR A 135 -12.19 7.57 15.47
CA THR A 135 -12.74 8.60 16.36
C THR A 135 -13.15 8.02 17.73
N LYS A 136 -12.88 6.73 17.94
CA LYS A 136 -13.34 6.04 19.14
C LYS A 136 -12.56 6.40 20.40
N LEU A 137 -13.24 6.29 21.54
CA LEU A 137 -12.61 6.33 22.86
C LEU A 137 -12.24 4.90 23.29
N THR A 138 -11.12 4.76 24.00
CA THR A 138 -10.69 3.45 24.46
C THR A 138 -10.11 3.53 25.86
N THR A 139 -9.82 2.36 26.43
CA THR A 139 -9.19 2.30 27.75
C THR A 139 -7.74 2.73 27.75
N ASN A 140 -6.97 2.33 26.73
CA ASN A 140 -5.51 2.49 26.76
C ASN A 140 -4.89 3.40 25.71
N ILE A 141 -5.65 3.81 24.70
CA ILE A 141 -5.11 4.65 23.62
C ILE A 141 -5.82 5.99 23.55
N SER A 142 -5.03 7.05 23.61
CA SER A 142 -5.52 8.43 23.51
C SER A 142 -6.29 8.59 22.22
N SER A 143 -7.44 9.25 22.30
CA SER A 143 -8.24 9.55 21.12
C SER A 143 -7.80 10.90 20.56
N THR A 144 -6.58 10.92 20.04
CA THR A 144 -5.89 12.16 19.73
C THR A 144 -6.67 13.07 18.80
N ARG A 145 -7.09 12.52 17.65
CA ARG A 145 -7.77 13.36 16.65
C ARG A 145 -9.15 13.81 17.06
N ARG A 146 -9.93 12.90 17.63
CA ARG A 146 -11.23 13.26 18.22
C ARG A 146 -11.09 14.43 19.18
N THR A 147 -10.16 14.30 20.12
CA THR A 147 -9.95 15.35 21.12
C THR A 147 -9.48 16.66 20.51
N ASN A 148 -8.53 16.61 19.57
CA ASN A 148 -8.07 17.83 18.92
C ASN A 148 -9.11 18.51 18.05
N PHE A 149 -9.94 17.69 17.39
CA PHE A 149 -11.05 18.22 16.57
C PHE A 149 -12.00 18.98 17.45
N ILE A 150 -12.39 18.36 18.56
CA ILE A 150 -13.30 19.02 19.47
C ILE A 150 -12.71 20.32 20.05
N LYS A 151 -11.46 20.27 20.46
CA LYS A 151 -10.76 21.45 20.99
C LYS A 151 -10.72 22.57 19.95
N SER A 152 -10.34 22.22 18.73
CA SER A 152 -10.24 23.22 17.67
C SER A 152 -11.59 23.86 17.35
N MSE A 153 -12.63 23.04 17.26
CA MSE A 153 -13.95 23.52 16.92
C MSE A 153 -14.43 24.46 18.01
O MSE A 153 -14.95 25.53 17.74
CB MSE A 153 -14.96 22.38 16.73
CG MSE A 153 -14.67 21.51 15.50
SE MSE A 153 -15.27 22.41 13.88
CE MSE A 153 -17.20 22.05 14.01
N THR A 154 -14.24 24.05 19.27
CA THR A 154 -14.66 24.90 20.38
C THR A 154 -13.77 26.15 20.53
N ASP A 155 -12.46 26.05 20.24
CA ASP A 155 -11.57 27.24 20.18
C ASP A 155 -12.05 28.30 19.17
N HIS A 156 -12.73 27.83 18.12
CA HIS A 156 -13.30 28.68 17.06
C HIS A 156 -14.75 29.11 17.36
N ASN A 157 -15.17 28.93 18.61
CA ASN A 157 -16.49 29.33 19.08
C ASN A 157 -17.65 28.61 18.41
N LEU A 158 -17.41 27.36 18.02
CA LEU A 158 -18.51 26.50 17.58
C LEU A 158 -18.92 25.62 18.75
N ALA A 159 -20.06 24.97 18.61
CA ALA A 159 -20.69 24.29 19.72
C ALA A 159 -20.83 22.82 19.42
N TYR A 160 -21.17 22.06 20.45
CA TYR A 160 -21.37 20.62 20.31
C TYR A 160 -22.36 20.24 19.21
N GLU A 161 -23.37 21.09 18.96
CA GLU A 161 -24.32 20.86 17.88
C GLU A 161 -23.71 20.99 16.47
N ASN A 162 -22.53 21.59 16.37
CA ASN A 162 -21.81 21.70 15.08
C ASN A 162 -20.80 20.57 14.85
N ILE A 163 -20.62 19.73 15.86
CA ILE A 163 -19.52 18.75 15.91
C ILE A 163 -20.10 17.36 15.71
N PHE A 164 -19.63 16.66 14.68
CA PHE A 164 -20.11 15.30 14.38
C PHE A 164 -18.94 14.33 14.30
N LEU A 165 -19.16 13.09 14.75
CA LEU A 165 -18.13 12.07 14.80
C LEU A 165 -18.62 10.78 14.19
N TYR A 166 -17.76 10.06 13.50
CA TYR A 166 -18.09 8.68 13.09
C TYR A 166 -16.86 7.85 12.88
N GLY A 167 -16.87 6.65 13.46
CA GLY A 167 -15.96 5.59 13.04
C GLY A 167 -14.96 5.10 14.07
N ASN A 168 -14.49 3.88 13.83
CA ASN A 168 -13.54 3.18 14.69
C ASN A 168 -12.18 2.89 14.06
N ASP A 169 -11.99 3.25 12.80
CA ASP A 169 -10.71 2.94 12.15
C ASP A 169 -10.52 3.78 10.90
N HIS A 170 -9.35 3.61 10.26
CA HIS A 170 -8.95 4.48 9.15
C HIS A 170 -9.27 3.85 7.78
N SER A 171 -10.24 2.94 7.72
CA SER A 171 -10.50 2.18 6.50
C SER A 171 -11.43 2.91 5.51
N TYR A 172 -11.32 2.47 4.25
CA TYR A 172 -12.26 2.84 3.21
C TYR A 172 -13.71 2.58 3.65
N GLU A 173 -13.94 1.43 4.25
CA GLU A 173 -15.27 1.02 4.67
C GLU A 173 -15.86 1.99 5.68
N THR A 174 -15.02 2.48 6.59
CA THR A 174 -15.49 3.46 7.58
C THR A 174 -15.91 4.76 6.89
N GLY A 175 -15.14 5.22 5.93
CA GLY A 175 -15.59 6.38 5.19
C GLY A 175 -16.90 6.15 4.44
N TYR A 176 -17.01 5.00 3.78
CA TYR A 176 -18.17 4.68 2.98
C TYR A 176 -19.42 4.57 3.86
N THR A 177 -19.28 3.86 4.96
CA THR A 177 -20.43 3.61 5.84
C THR A 177 -20.85 4.84 6.63
N SER A 178 -19.93 5.77 6.88
CA SER A 178 -20.25 6.92 7.70
C SER A 178 -21.49 7.66 7.18
N VAL A 179 -21.51 7.90 5.88
CA VAL A 179 -22.57 8.74 5.29
C VAL A 179 -23.72 7.94 4.69
N THR A 180 -23.66 6.61 4.80
CA THR A 180 -24.74 5.76 4.33
C THR A 180 -25.49 5.12 5.50
N THR A 181 -24.79 4.47 6.42
CA THR A 181 -25.47 3.87 7.55
C THR A 181 -25.28 4.67 8.85
N GLY A 182 -24.27 5.51 8.92
CA GLY A 182 -24.02 6.34 10.09
C GLY A 182 -24.88 7.58 10.18
N TYR A 183 -25.11 8.19 9.01
CA TYR A 183 -25.99 9.35 8.85
C TYR A 183 -26.88 9.13 7.64
N ASP A 184 -27.85 10.02 7.48
CA ASP A 184 -28.78 9.99 6.37
C ASP A 184 -28.15 10.72 5.19
N ILE A 185 -27.80 9.97 4.16
CA ILE A 185 -27.06 10.52 3.01
C ILE A 185 -27.83 11.59 2.30
N ASN A 186 -29.16 11.59 2.43
CA ASN A 186 -30.01 12.56 1.78
C ASN A 186 -30.16 13.86 2.55
N GLN A 187 -29.80 13.84 3.82
CA GLN A 187 -29.92 15.01 4.68
C GLN A 187 -28.75 15.05 5.64
N LEU A 188 -27.54 15.07 5.11
CA LEU A 188 -26.38 15.10 5.97
C LEU A 188 -26.40 16.34 6.84
N PRO A 189 -26.13 16.18 8.14
CA PRO A 189 -26.20 17.30 9.07
C PRO A 189 -24.93 18.13 9.09
N PHE A 190 -23.92 17.70 8.35
CA PHE A 190 -22.67 18.43 8.18
C PHE A 190 -22.37 18.67 6.71
N THR A 191 -21.65 19.74 6.44
CA THR A 191 -21.31 20.15 5.07
C THR A 191 -19.89 19.75 4.67
N ALA A 192 -19.07 19.39 5.66
CA ALA A 192 -17.67 19.00 5.46
C ALA A 192 -17.32 17.88 6.40
N ALA A 193 -16.42 17.02 5.93
CA ALA A 193 -15.90 15.93 6.71
C ALA A 193 -14.38 15.96 6.69
N ILE A 194 -13.78 15.81 7.86
CA ILE A 194 -12.35 15.67 8.00
C ILE A 194 -12.09 14.19 8.13
N ALA A 195 -11.38 13.62 7.17
CA ALA A 195 -11.11 12.19 7.15
C ALA A 195 -9.79 11.88 7.81
N THR A 196 -9.74 10.93 8.75
CA THR A 196 -8.50 10.71 9.53
C THR A 196 -7.41 9.98 8.75
N ALA A 197 -7.76 9.46 7.57
CA ALA A 197 -6.76 8.90 6.65
C ALA A 197 -7.27 9.04 5.25
N ASP A 198 -6.35 9.03 4.28
CA ASP A 198 -6.74 9.22 2.88
C ASP A 198 -7.85 8.26 2.38
N MSE A 199 -7.76 6.98 2.76
CA MSE A 199 -8.72 5.96 2.30
C MSE A 199 -10.11 6.26 2.84
O MSE A 199 -11.08 5.98 2.17
CB MSE A 199 -8.27 4.54 2.68
CG MSE A 199 -7.34 3.98 1.64
SE MSE A 199 -8.41 3.59 0.05
CE MSE A 199 -6.97 2.51 -0.74
N VAL A 200 -10.20 6.88 4.01
CA VAL A 200 -11.50 7.28 4.54
C VAL A 200 -12.13 8.28 3.56
N GLY A 201 -11.33 9.23 3.08
CA GLY A 201 -11.76 10.21 2.10
C GLY A 201 -12.22 9.57 0.79
N GLN A 202 -11.49 8.55 0.35
CA GLN A 202 -11.90 7.84 -0.84
C GLN A 202 -13.26 7.13 -0.65
N GLY A 203 -13.47 6.59 0.55
CA GLY A 203 -14.75 5.93 0.90
C GLY A 203 -15.89 6.90 0.84
N LEU A 204 -15.67 8.08 1.39
CA LEU A 204 -16.66 9.15 1.36
C LEU A 204 -17.01 9.57 -0.07
N ILE A 205 -15.99 9.75 -0.91
CA ILE A 205 -16.22 10.11 -2.31
C ILE A 205 -17.10 9.07 -3.00
N ASN A 206 -16.76 7.81 -2.82
CA ASN A 206 -17.51 6.75 -3.49
C ASN A 206 -18.93 6.61 -2.96
N ALA A 207 -19.12 6.78 -1.65
CA ALA A 207 -20.47 6.66 -1.09
C ALA A 207 -21.34 7.75 -1.69
N MSE A 208 -20.78 8.96 -1.81
CA MSE A 208 -21.56 10.06 -2.39
C MSE A 208 -21.90 9.77 -3.83
O MSE A 208 -23.09 9.87 -4.24
CB MSE A 208 -20.87 11.43 -2.28
CG MSE A 208 -20.53 11.87 -0.84
SE MSE A 208 -22.05 11.83 0.44
CE MSE A 208 -22.89 13.44 -0.31
N SER A 209 -20.88 9.38 -4.61
CA SER A 209 -21.06 9.10 -6.06
C SER A 209 -22.07 7.99 -6.32
N ASP A 210 -22.02 6.96 -5.48
CA ASP A 210 -22.88 5.78 -5.64
C ASP A 210 -24.34 6.06 -5.29
N HIS A 211 -24.59 7.19 -4.62
CA HIS A 211 -25.95 7.58 -4.21
C HIS A 211 -26.39 8.90 -4.82
N GLY A 212 -25.94 9.14 -6.04
CA GLY A 212 -26.39 10.27 -6.86
C GLY A 212 -25.95 11.64 -6.40
N LYS A 213 -24.83 11.70 -5.68
CA LYS A 213 -24.30 12.97 -5.19
C LYS A 213 -22.87 13.13 -5.67
N THR A 214 -22.30 14.30 -5.44
CA THR A 214 -20.97 14.61 -5.91
C THR A 214 -20.22 15.42 -4.87
N VAL A 215 -18.95 15.07 -4.67
CA VAL A 215 -18.02 15.87 -3.86
C VAL A 215 -17.34 16.83 -4.82
N PRO A 216 -17.24 18.11 -4.50
CA PRO A 216 -17.57 18.72 -3.19
C PRO A 216 -18.96 19.36 -3.07
N GLU A 217 -19.74 19.36 -4.15
CA GLU A 217 -21.06 20.06 -4.16
C GLU A 217 -21.89 19.64 -2.97
N ASP A 218 -21.90 18.34 -2.67
CA ASP A 218 -22.78 17.77 -1.64
C ASP A 218 -22.07 17.45 -0.34
N LEU A 219 -20.75 17.57 -0.33
CA LEU A 219 -19.92 17.30 0.86
C LEU A 219 -18.48 17.67 0.54
N SER A 220 -17.92 18.58 1.33
CA SER A 220 -16.50 18.90 1.25
C SER A 220 -15.67 17.91 2.09
N ILE A 221 -14.45 17.60 1.65
CA ILE A 221 -13.62 16.64 2.35
C ILE A 221 -12.19 17.16 2.42
N VAL A 222 -11.59 17.02 3.59
CA VAL A 222 -10.13 17.16 3.75
C VAL A 222 -9.62 15.90 4.43
N THR A 223 -8.55 15.32 3.90
CA THR A 223 -7.94 14.14 4.53
C THR A 223 -6.63 14.45 5.23
N ILE A 224 -6.22 13.54 6.10
CA ILE A 224 -4.92 13.58 6.74
C ILE A 224 -4.06 12.46 6.20
N ASP A 225 -2.88 12.84 5.68
CA ASP A 225 -1.74 11.99 5.32
C ASP A 225 -1.14 12.48 3.98
N GLY A 226 -1.99 12.60 2.97
CA GLY A 226 -1.57 13.13 1.70
C GLY A 226 -0.78 12.17 0.82
N LEU A 227 -1.04 10.88 0.97
CA LEU A 227 -0.40 9.85 0.12
C LEU A 227 -1.10 9.73 -1.25
N GLN A 228 -0.65 8.75 -2.06
CA GLN A 228 -1.08 8.65 -3.46
C GLN A 228 -2.59 8.60 -3.69
N GLN A 229 -3.34 7.99 -2.80
CA GLN A 229 -4.80 7.95 -2.99
C GLN A 229 -5.43 9.33 -3.18
N THR A 230 -4.86 10.37 -2.55
CA THR A 230 -5.40 11.72 -2.70
C THR A 230 -5.24 12.30 -4.11
N GLU A 231 -4.25 11.79 -4.84
CA GLU A 231 -3.96 12.19 -6.21
C GLU A 231 -4.74 11.38 -7.26
N ILE A 232 -5.10 10.15 -6.91
CA ILE A 232 -5.83 9.29 -7.86
C ILE A 232 -7.34 9.35 -7.65
N ALA A 233 -7.77 9.86 -6.51
CA ALA A 233 -9.19 10.13 -6.27
C ALA A 233 -9.70 11.15 -7.27
N ARG A 234 -10.99 11.07 -7.55
CA ARG A 234 -11.66 12.07 -8.37
C ARG A 234 -12.97 12.44 -7.71
N PRO A 235 -13.09 13.65 -7.18
CA PRO A 235 -12.09 14.73 -7.29
C PRO A 235 -10.83 14.49 -6.48
N LYS A 236 -9.72 15.06 -6.92
CA LYS A 236 -8.48 14.99 -6.12
CA LYS A 236 -8.49 14.97 -6.12
C LYS A 236 -8.74 15.58 -4.74
N LEU A 237 -8.17 14.94 -3.73
CA LEU A 237 -8.46 15.30 -2.34
C LEU A 237 -7.52 16.34 -1.79
N THR A 238 -8.13 17.38 -1.25
CA THR A 238 -7.46 18.35 -0.38
C THR A 238 -7.00 17.58 0.85
N THR A 239 -5.76 17.83 1.28
CA THR A 239 -5.15 16.97 2.26
C THR A 239 -4.07 17.71 3.09
N VAL A 240 -3.92 17.31 4.35
CA VAL A 240 -2.70 17.64 5.11
C VAL A 240 -1.67 16.58 4.83
N LYS A 241 -0.64 16.98 4.11
CA LYS A 241 0.43 16.06 3.76
C LYS A 241 1.46 15.97 4.86
N GLN A 242 1.65 14.78 5.39
CA GLN A 242 2.76 14.52 6.34
C GLN A 242 4.01 14.18 5.57
N ASP A 243 5.16 14.59 6.11
CA ASP A 243 6.41 14.25 5.51
C ASP A 243 6.96 12.96 6.12
N PHE A 244 6.38 11.82 5.72
CA PHE A 244 6.73 10.54 6.35
C PHE A 244 8.20 10.18 6.16
N PRO A 245 8.75 10.41 4.96
CA PRO A 245 10.16 10.08 4.86
C PRO A 245 11.02 10.93 5.79
N GLU A 246 10.68 12.20 5.97
CA GLU A 246 11.45 13.07 6.88
C GLU A 246 11.33 12.55 8.32
N ILE A 247 10.12 12.13 8.71
CA ILE A 247 9.96 11.50 10.03
C ILE A 247 10.93 10.34 10.22
N GLY A 248 11.03 9.47 9.22
CA GLY A 248 11.95 8.34 9.26
C GLY A 248 13.41 8.79 9.33
N ARG A 249 13.79 9.73 8.46
CA ARG A 249 15.19 10.19 8.48
C ARG A 249 15.60 10.79 9.83
N ILE A 250 14.73 11.62 10.38
CA ILE A 250 15.01 12.34 11.63
C ILE A 250 15.04 11.39 12.82
N ALA A 251 14.14 10.40 12.84
CA ALA A 251 14.22 9.37 13.89
C ALA A 251 15.57 8.64 13.88
N MSE A 252 16.04 8.26 12.70
CA MSE A 252 17.32 7.57 12.60
C MSE A 252 18.43 8.53 12.98
O MSE A 252 19.38 8.15 13.69
CB MSE A 252 17.51 6.98 11.20
CG MSE A 252 18.77 6.13 11.08
SE MSE A 252 18.90 4.63 12.31
CE MSE A 252 20.80 4.17 12.06
N GLN A 253 18.33 9.78 12.56
CA GLN A 253 19.37 10.76 12.90
C GLN A 253 19.46 11.02 14.40
N LEU A 254 18.31 11.06 15.05
CA LEU A 254 18.27 11.19 16.50
C LEU A 254 19.06 10.06 17.16
N PHE A 255 18.87 8.83 16.68
CA PHE A 255 19.61 7.69 17.23
C PHE A 255 21.10 7.85 16.97
N LEU A 256 21.44 8.17 15.72
CA LEU A 256 22.86 8.31 15.35
C LEU A 256 23.55 9.42 16.16
N ASP A 257 22.82 10.48 16.47
CA ASP A 257 23.40 11.67 17.12
C ASP A 257 23.45 11.55 18.64
N SER A 258 22.77 10.55 19.20
CA SER A 258 22.62 10.38 20.65
C SER A 258 23.85 9.71 21.27
N ASP A 259 23.92 9.69 22.60
CA ASP A 259 24.94 8.93 23.33
C ASP A 259 24.46 7.51 23.63
N GLU A 264 16.49 14.29 29.02
CA GLU A 264 17.08 13.46 27.97
C GLU A 264 16.11 13.19 26.79
N PRO A 265 14.90 12.64 27.05
CA PRO A 265 13.99 12.31 25.94
C PRO A 265 13.33 13.55 25.32
N GLN A 266 13.17 13.57 23.99
CA GLN A 266 12.55 14.74 23.35
C GLN A 266 11.44 14.39 22.34
N ILE A 267 10.64 15.37 21.98
CA ILE A 267 9.66 15.24 20.91
C ILE A 267 10.10 16.20 19.81
N ILE A 268 10.30 15.68 18.60
CA ILE A 268 10.65 16.51 17.46
C ILE A 268 9.44 16.52 16.52
N TYR A 269 8.95 17.73 16.22
CA TYR A 269 7.80 17.90 15.35
C TYR A 269 8.29 18.19 13.95
N ILE A 270 7.73 17.45 12.98
CA ILE A 270 8.04 17.61 11.59
C ILE A 270 6.89 18.40 10.95
N PRO A 271 7.23 19.48 10.22
CA PRO A 271 6.19 20.32 9.63
C PRO A 271 5.32 19.57 8.63
N THR A 272 4.09 20.07 8.49
CA THR A 272 3.15 19.58 7.48
C THR A 272 2.65 20.77 6.67
N GLU A 273 1.83 20.48 5.69
CA GLU A 273 1.28 21.52 4.86
C GLU A 273 -0.06 21.04 4.32
N LEU A 274 -0.94 22.00 4.13
CA LEU A 274 -2.29 21.71 3.68
C LEU A 274 -2.27 21.96 2.17
N ILE A 275 -2.47 20.90 1.40
CA ILE A 275 -2.49 20.98 -0.03
C ILE A 275 -3.90 21.04 -0.54
N GLN A 276 -4.21 22.16 -1.16
CA GLN A 276 -5.55 22.42 -1.64
C GLN A 276 -5.68 21.84 -3.02
N ARG A 277 -6.66 20.95 -3.18
CA ARG A 277 -6.95 20.32 -4.47
C ARG A 277 -8.42 20.60 -4.82
N ASP A 278 -9.24 19.58 -5.03
CA ASP A 278 -10.55 19.77 -5.67
C ASP A 278 -11.76 19.31 -4.84
N SER A 279 -11.56 19.05 -3.56
CA SER A 279 -12.61 18.44 -2.75
C SER A 279 -13.25 19.34 -1.71
N VAL A 280 -13.00 20.66 -1.80
CA VAL A 280 -13.63 21.60 -0.87
C VAL A 280 -14.33 22.74 -1.60
N LEU A 281 -15.56 23.02 -1.16
CA LEU A 281 -16.36 24.11 -1.71
C LEU A 281 -16.40 25.27 -0.71
N ASN A 282 -16.28 26.49 -1.22
CA ASN A 282 -16.53 27.68 -0.43
C ASN A 282 -18.05 27.93 -0.37
N LEU A 283 -18.60 27.96 0.84
CA LEU A 283 -20.04 28.21 1.03
C LEU A 283 -20.43 29.69 1.19
N ASN A 284 -19.45 30.58 1.29
CA ASN A 284 -19.72 32.02 1.54
C ASN A 284 -20.25 32.80 0.32
N ARG B 11 14.71 -20.13 14.91
CA ARG B 11 13.66 -20.41 13.88
C ARG B 11 13.20 -19.09 13.24
N VAL B 12 13.99 -18.61 12.29
CA VAL B 12 13.67 -17.37 11.59
C VAL B 12 13.73 -17.61 10.08
N VAL B 13 12.79 -16.99 9.37
CA VAL B 13 12.81 -16.95 7.89
C VAL B 13 12.81 -15.50 7.44
N GLY B 14 13.43 -15.27 6.28
CA GLY B 14 13.56 -13.95 5.70
C GLY B 14 12.68 -13.79 4.48
N VAL B 15 12.23 -12.56 4.22
CA VAL B 15 11.53 -12.26 2.98
C VAL B 15 12.19 -11.02 2.39
N VAL B 16 12.53 -11.10 1.12
CA VAL B 16 13.20 -10.04 0.40
C VAL B 16 12.18 -9.38 -0.53
N VAL B 17 11.97 -8.09 -0.30
CA VAL B 17 10.93 -7.32 -0.99
C VAL B 17 11.62 -6.18 -1.72
N PRO B 18 11.25 -5.95 -2.98
CA PRO B 18 11.86 -4.80 -3.65
C PRO B 18 11.43 -3.48 -3.00
N LEU B 19 12.36 -2.52 -2.95
CA LEU B 19 12.06 -1.19 -2.45
C LEU B 19 10.93 -0.54 -3.27
N ILE B 20 10.85 -0.89 -4.56
CA ILE B 20 9.77 -0.47 -5.45
C ILE B 20 8.87 -1.66 -5.80
N HIS B 21 7.67 -1.71 -5.21
CA HIS B 21 6.77 -2.86 -5.33
C HIS B 21 5.31 -2.43 -5.33
N THR B 22 4.47 -3.20 -6.02
CA THR B 22 3.01 -3.03 -5.94
C THR B 22 2.58 -3.37 -4.50
N ASN B 23 1.32 -3.05 -4.16
CA ASN B 23 0.71 -3.49 -2.91
C ASN B 23 0.62 -5.01 -2.71
N PHE B 24 0.98 -5.80 -3.72
CA PHE B 24 0.85 -7.25 -3.60
C PHE B 24 1.77 -7.87 -2.53
N ALA B 25 2.91 -7.22 -2.26
CA ALA B 25 3.86 -7.74 -1.27
C ALA B 25 3.23 -7.95 0.10
N ASP B 26 2.47 -6.95 0.56
CA ASP B 26 1.84 -7.03 1.88
C ASP B 26 0.87 -8.21 1.97
N GLU B 27 0.16 -8.47 0.87
CA GLU B 27 -0.76 -9.60 0.83
C GLU B 27 -0.03 -10.94 0.89
N ILE B 28 1.08 -11.06 0.17
CA ILE B 28 1.92 -12.25 0.28
C ILE B 28 2.44 -12.44 1.69
N ILE B 29 2.94 -11.35 2.29
CA ILE B 29 3.48 -11.35 3.63
C ILE B 29 2.46 -11.74 4.71
N LYS B 30 1.21 -11.32 4.52
CA LYS B 30 0.12 -11.71 5.40
C LYS B 30 0.00 -13.24 5.44
N GLY B 31 0.07 -13.87 4.27
CA GLY B 31 0.05 -15.33 4.16
C GLY B 31 1.29 -16.00 4.77
N LEU B 32 2.47 -15.47 4.47
CA LEU B 32 3.71 -15.99 5.07
C LEU B 32 3.65 -15.91 6.59
N TYR B 33 3.17 -14.78 7.07
CA TYR B 33 3.07 -14.51 8.49
C TYR B 33 2.12 -15.49 9.21
N GLU B 34 0.96 -15.72 8.63
CA GLU B 34 -0.02 -16.67 9.20
CA GLU B 34 -0.01 -16.66 9.22
C GLU B 34 0.65 -18.03 9.42
N THR B 35 1.36 -18.50 8.40
CA THR B 35 1.96 -19.81 8.48
C THR B 35 3.19 -19.84 9.36
N THR B 36 3.98 -18.76 9.41
CA THR B 36 5.18 -18.74 10.26
C THR B 36 4.81 -18.74 11.74
N ILE B 37 3.83 -17.93 12.08
CA ILE B 37 3.40 -17.78 13.47
C ILE B 37 2.92 -19.13 14.02
N SER B 38 2.12 -19.86 13.25
CA SER B 38 1.56 -21.13 13.71
C SER B 38 2.57 -22.28 13.78
N SER B 39 3.74 -22.11 13.16
CA SER B 39 4.75 -23.15 13.11
C SER B 39 5.97 -22.85 13.99
N GLY B 40 5.91 -21.78 14.77
CA GLY B 40 7.01 -21.45 15.70
C GLY B 40 8.18 -20.71 15.08
N TYR B 41 7.96 -20.10 13.92
CA TYR B 41 8.98 -19.28 13.29
C TYR B 41 8.64 -17.81 13.42
N GLU B 42 9.66 -16.98 13.28
CA GLU B 42 9.45 -15.54 13.14
C GLU B 42 9.88 -15.09 11.75
N LEU B 43 9.32 -13.97 11.31
CA LEU B 43 9.52 -13.46 9.95
C LEU B 43 10.33 -12.16 9.99
N LEU B 44 11.40 -12.09 9.19
CA LEU B 44 12.19 -10.87 9.06
C LEU B 44 11.97 -10.37 7.65
N ILE B 45 11.66 -9.09 7.51
CA ILE B 45 11.44 -8.49 6.23
C ILE B 45 12.59 -7.54 5.94
N THR B 46 13.09 -7.62 4.72
CA THR B 46 14.19 -6.80 4.29
C THR B 46 13.87 -6.27 2.89
N TYR B 47 14.35 -5.06 2.61
CA TYR B 47 14.10 -4.45 1.32
C TYR B 47 15.37 -4.51 0.46
N LEU B 48 15.18 -4.56 -0.85
CA LEU B 48 16.29 -4.68 -1.81
C LEU B 48 16.18 -3.59 -2.88
N ASP B 49 17.20 -2.74 -2.97
CA ASP B 49 17.31 -1.75 -4.05
C ASP B 49 18.12 -2.38 -5.19
N GLU B 50 18.41 -1.59 -6.23
CA GLU B 50 19.15 -2.09 -7.38
C GLU B 50 20.66 -1.89 -7.28
N ASP B 51 21.15 -1.46 -6.11
CA ASP B 51 22.58 -1.21 -5.89
C ASP B 51 23.27 -2.47 -5.39
N GLU B 52 24.18 -3.02 -6.18
CA GLU B 52 24.87 -4.25 -5.83
C GLU B 52 25.49 -4.25 -4.44
N ASP B 53 26.10 -3.13 -4.04
CA ASP B 53 26.81 -3.05 -2.75
C ASP B 53 25.85 -3.14 -1.56
N HIS B 54 24.70 -2.49 -1.71
CA HIS B 54 23.66 -2.53 -0.69
C HIS B 54 23.08 -3.94 -0.64
N GLN B 55 22.91 -4.56 -1.81
CA GLN B 55 22.37 -5.93 -1.88
C GLN B 55 23.26 -6.88 -1.13
N TYR B 56 24.57 -6.72 -1.25
CA TYR B 56 25.49 -7.56 -0.49
C TYR B 56 25.38 -7.35 1.04
N GLN B 57 25.21 -6.10 1.48
CA GLN B 57 25.03 -5.80 2.92
C GLN B 57 23.84 -6.57 3.47
N VAL B 58 22.73 -6.51 2.73
CA VAL B 58 21.50 -7.22 3.05
C VAL B 58 21.76 -8.71 3.20
N PHE B 59 22.42 -9.30 2.21
CA PHE B 59 22.72 -10.72 2.28
C PHE B 59 23.49 -11.09 3.57
N GLN B 60 24.50 -10.30 3.94
CA GLN B 60 25.20 -10.52 5.22
C GLN B 60 24.24 -10.44 6.43
N THR B 61 23.20 -9.61 6.33
CA THR B 61 22.11 -9.53 7.34
C THR B 61 21.19 -10.80 7.32
N LEU B 62 20.96 -11.42 6.17
CA LEU B 62 20.23 -12.70 6.13
C LEU B 62 21.06 -13.85 6.65
N LEU B 63 22.32 -13.94 6.21
CA LEU B 63 23.26 -14.93 6.73
C LEU B 63 23.43 -14.79 8.26
N SER B 64 23.64 -13.56 8.74
CA SER B 64 23.97 -13.29 10.15
C SER B 64 22.79 -13.34 11.13
N ARG B 65 21.56 -13.33 10.62
CA ARG B 65 20.41 -13.70 11.47
C ARG B 65 20.11 -15.20 11.29
N GLN B 66 21.05 -15.93 10.68
CA GLN B 66 20.96 -17.38 10.53
C GLN B 66 19.54 -17.82 10.17
N VAL B 67 19.00 -17.21 9.13
CA VAL B 67 17.66 -17.56 8.63
C VAL B 67 17.68 -18.98 8.06
N GLY B 68 16.57 -19.69 8.17
CA GLY B 68 16.44 -21.05 7.66
C GLY B 68 16.01 -21.07 6.20
N ALA B 69 15.34 -20.00 5.79
CA ALA B 69 14.76 -19.87 4.46
C ALA B 69 14.72 -18.40 4.10
N VAL B 70 14.82 -18.12 2.81
CA VAL B 70 14.60 -16.78 2.28
C VAL B 70 13.55 -16.88 1.18
N PHE B 71 12.48 -16.12 1.30
CA PHE B 71 11.46 -16.00 0.25
C PHE B 71 11.70 -14.76 -0.60
N MSE B 72 11.77 -14.96 -1.91
CA MSE B 72 12.08 -13.91 -2.89
CA MSE B 72 12.07 -13.87 -2.84
C MSE B 72 10.83 -13.54 -3.64
O MSE B 72 10.17 -14.41 -4.18
CB MSE B 72 13.08 -14.44 -3.93
CB MSE B 72 13.25 -14.29 -3.70
CG MSE B 72 14.33 -15.01 -3.29
CG MSE B 72 14.48 -14.44 -2.82
SE MSE B 72 15.40 -13.53 -2.57
SE MSE B 72 15.97 -15.05 -3.94
CE MSE B 72 17.00 -14.58 -2.08
CE MSE B 72 17.33 -14.92 -2.53
N LEU B 73 10.49 -12.26 -3.67
CA LEU B 73 9.30 -11.78 -4.38
C LEU B 73 9.65 -11.06 -5.70
N SER B 74 10.92 -10.72 -5.89
CA SER B 74 11.34 -9.67 -6.85
C SER B 74 11.27 -10.08 -8.33
N LEU B 75 12.06 -11.09 -8.70
CA LEU B 75 12.38 -11.44 -10.11
C LEU B 75 13.71 -10.78 -10.55
N ASP B 76 14.13 -9.73 -9.85
CA ASP B 76 15.35 -8.97 -10.13
C ASP B 76 16.53 -9.27 -9.16
N ILE B 77 16.57 -10.49 -8.61
CA ILE B 77 17.57 -10.87 -7.61
C ILE B 77 18.86 -11.33 -8.31
N PRO B 78 20.03 -10.84 -7.86
CA PRO B 78 21.27 -11.31 -8.52
C PRO B 78 21.55 -12.80 -8.26
N SER B 79 22.14 -13.48 -9.25
CA SER B 79 22.30 -14.92 -9.17
C SER B 79 23.22 -15.27 -8.04
N TRP B 80 24.21 -14.41 -7.78
CA TRP B 80 25.15 -14.67 -6.71
C TRP B 80 24.47 -14.71 -5.35
N MSE B 81 23.39 -13.97 -5.17
CA MSE B 81 22.66 -14.00 -3.88
C MSE B 81 21.98 -15.33 -3.67
O MSE B 81 22.04 -15.90 -2.57
CB MSE B 81 21.58 -12.90 -3.75
CG MSE B 81 21.11 -12.87 -2.30
SE MSE B 81 19.78 -11.42 -2.16
CE MSE B 81 21.03 -9.92 -2.33
N ILE B 82 21.33 -15.85 -4.70
CA ILE B 82 20.65 -17.15 -4.63
C ILE B 82 21.70 -18.26 -4.39
N ASP B 83 22.76 -18.24 -5.19
CA ASP B 83 23.85 -19.23 -5.01
C ASP B 83 24.48 -19.13 -3.62
N LYS B 84 24.78 -17.92 -3.16
CA LYS B 84 25.42 -17.80 -1.85
C LYS B 84 24.51 -18.34 -0.73
N LEU B 85 23.21 -18.06 -0.80
CA LEU B 85 22.26 -18.58 0.20
C LEU B 85 22.15 -20.10 0.14
N LEU B 86 22.00 -20.65 -1.06
CA LEU B 86 21.93 -22.11 -1.20
C LEU B 86 23.21 -22.75 -0.68
N GLU B 87 24.34 -22.11 -0.92
CA GLU B 87 25.66 -22.67 -0.51
C GLU B 87 25.89 -22.63 0.99
N GLU B 88 25.06 -21.83 1.68
CA GLU B 88 25.01 -21.81 3.15
C GLU B 88 23.92 -22.73 3.73
N GLN B 89 23.32 -23.59 2.89
CA GLN B 89 22.29 -24.55 3.30
C GLN B 89 21.00 -23.86 3.78
N ILE B 90 20.73 -22.69 3.21
CA ILE B 90 19.50 -21.94 3.43
C ILE B 90 18.58 -22.22 2.25
N SER B 91 17.32 -22.52 2.57
CA SER B 91 16.31 -22.75 1.54
C SER B 91 15.91 -21.44 0.91
N VAL B 92 15.76 -21.45 -0.41
CA VAL B 92 15.41 -20.25 -1.16
C VAL B 92 14.19 -20.63 -2.00
N ILE B 93 13.12 -19.85 -1.90
CA ILE B 93 11.87 -20.11 -2.59
C ILE B 93 11.40 -18.79 -3.17
N SER B 94 11.05 -18.80 -4.45
CA SER B 94 10.61 -17.56 -5.09
C SER B 94 9.08 -17.52 -5.22
N LEU B 95 8.53 -16.32 -5.14
CA LEU B 95 7.08 -16.15 -5.11
C LEU B 95 6.64 -15.22 -6.22
N THR B 96 5.63 -15.66 -6.97
CA THR B 96 5.07 -14.95 -8.12
C THR B 96 5.98 -14.95 -9.36
N ALA B 97 7.11 -15.64 -9.26
CA ALA B 97 8.05 -15.70 -10.35
C ALA B 97 8.94 -16.90 -10.21
N LEU B 98 9.50 -17.31 -11.33
CA LEU B 98 10.44 -18.42 -11.37
C LEU B 98 11.84 -17.82 -11.47
N LEU B 99 12.51 -17.66 -10.33
CA LEU B 99 13.78 -16.94 -10.25
C LEU B 99 14.97 -17.73 -10.75
N SER B 100 14.96 -19.03 -10.51
CA SER B 100 16.08 -19.86 -10.89
C SER B 100 15.63 -21.30 -10.98
N GLU B 101 16.19 -21.99 -11.98
CA GLU B 101 16.20 -23.44 -12.11
C GLU B 101 16.51 -24.18 -10.82
N GLN B 102 17.37 -23.58 -10.01
CA GLN B 102 17.87 -24.22 -8.80
C GLN B 102 16.86 -24.30 -7.67
N ILE B 103 15.80 -23.51 -7.70
CA ILE B 103 14.91 -23.37 -6.55
C ILE B 103 13.45 -23.60 -6.90
N SER B 104 12.63 -23.79 -5.87
CA SER B 104 11.20 -23.95 -6.02
C SER B 104 10.47 -22.60 -6.09
N ALA B 105 9.29 -22.59 -6.69
CA ALA B 105 8.50 -21.38 -6.83
C ALA B 105 7.04 -21.64 -6.55
N VAL B 106 6.37 -20.64 -6.01
CA VAL B 106 4.92 -20.67 -5.87
C VAL B 106 4.38 -19.42 -6.57
N THR B 107 3.43 -19.61 -7.46
CA THR B 107 3.02 -18.55 -8.36
C THR B 107 1.64 -18.82 -8.95
N SER B 108 0.94 -17.77 -9.38
CA SER B 108 -0.17 -17.94 -10.29
C SER B 108 0.39 -18.36 -11.65
N ASN B 109 -0.37 -19.12 -12.41
CA ASN B 109 0.08 -19.48 -13.74
C ASN B 109 -0.09 -18.32 -14.71
N GLU B 110 1.03 -17.76 -15.17
CA GLU B 110 1.00 -16.55 -16.00
C GLU B 110 0.26 -16.71 -17.31
N PHE B 111 0.52 -17.80 -18.06
CA PHE B 111 -0.18 -17.97 -19.31
C PHE B 111 -1.68 -18.16 -19.10
N GLU B 112 -2.05 -18.92 -18.08
CA GLU B 112 -3.48 -19.14 -17.81
CA GLU B 112 -3.48 -19.14 -17.79
C GLU B 112 -4.18 -17.82 -17.45
N MSE B 113 -3.54 -16.96 -16.67
CA MSE B 113 -4.11 -15.64 -16.35
C MSE B 113 -4.36 -14.87 -17.60
O MSE B 113 -5.48 -14.36 -17.83
CB MSE B 113 -3.19 -14.79 -15.46
CG MSE B 113 -3.15 -15.30 -14.03
SE MSE B 113 -2.35 -13.97 -12.81
CE MSE B 113 -0.44 -14.21 -13.25
N MSE B 114 -3.35 -14.75 -18.45
CA MSE B 114 -3.43 -13.93 -19.63
C MSE B 114 -4.47 -14.47 -20.60
O MSE B 114 -5.29 -13.75 -21.15
CB MSE B 114 -2.04 -13.85 -20.25
CG MSE B 114 -2.05 -12.93 -21.46
SE MSE B 114 -2.44 -11.03 -21.06
CE MSE B 114 -0.81 -10.66 -20.06
N ASN B 115 -4.43 -15.78 -20.80
CA ASN B 115 -5.31 -16.40 -21.73
C ASN B 115 -6.77 -16.28 -21.27
N SER B 116 -7.00 -16.31 -19.95
CA SER B 116 -8.35 -16.13 -19.43
C SER B 116 -8.92 -14.76 -19.78
N ILE B 117 -8.05 -13.75 -19.83
CA ILE B 117 -8.50 -12.41 -20.17
C ILE B 117 -8.79 -12.27 -21.65
N VAL B 118 -7.86 -12.73 -22.48
CA VAL B 118 -8.01 -12.65 -23.90
C VAL B 118 -9.27 -13.43 -24.35
N ASP B 119 -9.45 -14.60 -23.76
CA ASP B 119 -10.64 -15.44 -24.03
C ASP B 119 -11.90 -14.65 -23.80
N TYR B 120 -11.96 -14.03 -22.62
CA TYR B 120 -13.10 -13.23 -22.21
C TYR B 120 -13.32 -12.00 -23.11
N LEU B 121 -12.28 -11.26 -23.43
CA LEU B 121 -12.45 -10.05 -24.22
C LEU B 121 -12.92 -10.39 -25.64
N ILE B 122 -12.42 -11.49 -26.18
CA ILE B 122 -12.82 -11.92 -27.51
C ILE B 122 -14.30 -12.35 -27.48
N ASP B 123 -14.69 -13.06 -26.42
CA ASP B 123 -16.09 -13.42 -26.22
C ASP B 123 -16.98 -12.22 -26.11
N MSE B 124 -16.46 -11.13 -25.52
CA MSE B 124 -17.15 -9.86 -25.46
C MSE B 124 -17.06 -9.04 -26.72
O MSE B 124 -17.53 -7.92 -26.73
CB MSE B 124 -16.60 -9.04 -24.28
CG MSE B 124 -16.89 -9.69 -22.95
SE MSE B 124 -18.80 -9.57 -22.46
CE MSE B 124 -18.86 -7.76 -21.63
N GLY B 125 -16.51 -9.59 -27.80
CA GLY B 125 -16.53 -8.94 -29.11
C GLY B 125 -15.33 -8.09 -29.47
N HIS B 126 -14.32 -8.05 -28.59
CA HIS B 126 -13.11 -7.28 -28.87
C HIS B 126 -12.11 -8.02 -29.77
N LYS B 127 -11.46 -7.27 -30.64
CA LYS B 127 -10.45 -7.81 -31.55
C LYS B 127 -9.14 -7.03 -31.47
N ASN B 128 -9.25 -5.70 -31.37
CA ASN B 128 -8.06 -4.84 -31.27
C ASN B 128 -7.82 -4.52 -29.79
N ILE B 129 -6.73 -5.05 -29.25
CA ILE B 129 -6.51 -5.10 -27.80
C ILE B 129 -5.08 -4.67 -27.46
N ALA B 130 -4.94 -3.81 -26.45
CA ALA B 130 -3.64 -3.35 -25.96
C ALA B 130 -3.26 -4.05 -24.67
N LEU B 131 -1.97 -4.32 -24.49
CA LEU B 131 -1.41 -4.64 -23.19
C LEU B 131 -0.69 -3.40 -22.72
N VAL B 132 -1.08 -2.90 -21.54
CA VAL B 132 -0.57 -1.65 -21.02
C VAL B 132 0.04 -1.94 -19.64
N GLY B 133 1.26 -1.46 -19.42
CA GLY B 133 1.95 -1.66 -18.16
C GLY B 133 3.37 -2.08 -18.40
N ASP B 134 3.81 -3.15 -17.74
CA ASP B 134 5.19 -3.60 -17.90
C ASP B 134 5.28 -4.48 -19.14
N THR B 135 5.65 -3.88 -20.28
CA THR B 135 5.69 -4.59 -21.56
C THR B 135 7.07 -4.57 -22.21
N LYS B 136 8.06 -4.06 -21.50
CA LYS B 136 9.39 -3.88 -22.06
C LYS B 136 10.20 -5.16 -22.21
N LEU B 137 11.10 -5.13 -23.20
CA LEU B 137 12.08 -6.19 -23.40
C LEU B 137 13.35 -5.74 -22.71
N THR B 138 14.06 -6.69 -22.08
CA THR B 138 15.30 -6.39 -21.36
C THR B 138 16.34 -7.45 -21.62
N THR B 139 17.54 -7.21 -21.12
CA THR B 139 18.64 -8.15 -21.25
C THR B 139 18.49 -9.35 -20.33
N ASN B 140 18.01 -9.14 -19.10
CA ASN B 140 18.04 -10.19 -18.08
C ASN B 140 16.71 -10.66 -17.49
N ILE B 141 15.63 -9.97 -17.81
CA ILE B 141 14.31 -10.31 -17.27
C ILE B 141 13.34 -10.68 -18.39
N SER B 142 12.73 -11.86 -18.27
CA SER B 142 11.70 -12.31 -19.20
C SER B 142 10.57 -11.28 -19.28
N SER B 143 10.12 -10.99 -20.50
CA SER B 143 8.95 -10.14 -20.72
C SER B 143 7.69 -11.03 -20.74
N THR B 144 7.41 -11.62 -19.58
CA THR B 144 6.44 -12.69 -19.45
C THR B 144 5.08 -12.33 -20.01
N ARG B 145 4.53 -11.20 -19.56
CA ARG B 145 3.20 -10.81 -20.00
C ARG B 145 3.10 -10.40 -21.46
N ARG B 146 4.04 -9.60 -21.95
CA ARG B 146 4.15 -9.30 -23.35
C ARG B 146 4.10 -10.58 -24.23
N THR B 147 4.97 -11.53 -23.92
CA THR B 147 5.06 -12.78 -24.68
C THR B 147 3.78 -13.61 -24.58
N ASN B 148 3.24 -13.77 -23.37
CA ASN B 148 1.97 -14.48 -23.22
C ASN B 148 0.77 -13.83 -23.89
N PHE B 149 0.73 -12.49 -23.91
CA PHE B 149 -0.32 -11.78 -24.59
C PHE B 149 -0.29 -12.04 -26.08
N ILE B 150 0.88 -11.89 -26.67
CA ILE B 150 1.05 -12.11 -28.10
C ILE B 150 0.72 -13.56 -28.47
N LYS B 151 1.17 -14.50 -27.66
CA LYS B 151 0.88 -15.92 -27.88
C LYS B 151 -0.63 -16.17 -27.84
N SER B 152 -1.29 -15.68 -26.79
CA SER B 152 -2.74 -15.88 -26.66
C SER B 152 -3.54 -15.22 -27.81
N MSE B 153 -3.15 -14.02 -28.22
CA MSE B 153 -3.83 -13.32 -29.31
C MSE B 153 -3.68 -14.10 -30.60
O MSE B 153 -4.64 -14.32 -31.32
CB MSE B 153 -3.29 -11.90 -29.49
CG MSE B 153 -3.66 -11.01 -28.30
SE MSE B 153 -5.51 -10.41 -28.37
CE MSE B 153 -5.32 -9.10 -29.81
N THR B 154 -2.46 -14.56 -30.86
CA THR B 154 -2.21 -15.31 -32.09
C THR B 154 -2.86 -16.72 -32.04
N ASP B 155 -2.83 -17.37 -30.87
CA ASP B 155 -3.58 -18.63 -30.66
C ASP B 155 -5.08 -18.47 -30.96
N HIS B 156 -5.63 -17.27 -30.75
CA HIS B 156 -7.03 -16.96 -31.05
C HIS B 156 -7.22 -16.45 -32.48
N ASN B 157 -6.21 -16.67 -33.33
CA ASN B 157 -6.24 -16.28 -34.74
C ASN B 157 -6.44 -14.79 -34.98
N LEU B 158 -5.92 -13.97 -34.07
CA LEU B 158 -5.78 -12.54 -34.34
C LEU B 158 -4.36 -12.29 -34.83
N ALA B 159 -4.14 -11.12 -35.42
CA ALA B 159 -2.92 -10.84 -36.15
C ALA B 159 -2.12 -9.77 -35.42
N TYR B 160 -0.91 -9.55 -35.91
CA TYR B 160 -0.06 -8.42 -35.45
C TYR B 160 -0.80 -7.07 -35.47
N GLU B 161 -1.65 -6.84 -36.47
CA GLU B 161 -2.36 -5.55 -36.60
C GLU B 161 -3.41 -5.35 -35.49
N ASN B 162 -3.75 -6.41 -34.77
CA ASN B 162 -4.74 -6.38 -33.69
C ASN B 162 -4.08 -6.23 -32.30
N ILE B 163 -2.75 -6.27 -32.25
CA ILE B 163 -1.98 -6.40 -31.03
C ILE B 163 -1.28 -5.07 -30.78
N PHE B 164 -1.53 -4.47 -29.62
CA PHE B 164 -0.94 -3.19 -29.27
C PHE B 164 -0.27 -3.28 -27.91
N LEU B 165 0.86 -2.58 -27.74
CA LEU B 165 1.62 -2.65 -26.51
C LEU B 165 1.98 -1.27 -26.04
N TYR B 166 1.99 -1.06 -24.74
CA TYR B 166 2.52 0.19 -24.20
C TYR B 166 3.05 0.02 -22.81
N GLY B 167 4.27 0.50 -22.57
CA GLY B 167 4.69 0.77 -21.21
C GLY B 167 5.87 0.00 -20.69
N ASN B 168 6.48 0.62 -19.68
CA ASN B 168 7.70 0.11 -19.07
C ASN B 168 7.59 -0.36 -17.65
N ASP B 169 6.44 -0.16 -16.99
CA ASP B 169 6.33 -0.59 -15.61
C ASP B 169 4.86 -0.66 -15.22
N HIS B 170 4.61 -1.07 -13.98
CA HIS B 170 3.27 -1.33 -13.49
C HIS B 170 2.58 -0.12 -12.84
N SER B 171 3.06 1.09 -13.13
CA SER B 171 2.61 2.27 -12.40
C SER B 171 1.33 2.88 -12.93
N TYR B 172 0.64 3.59 -12.04
CA TYR B 172 -0.42 4.48 -12.43
C TYR B 172 -0.04 5.38 -13.58
N GLU B 173 1.14 5.96 -13.50
CA GLU B 173 1.63 6.86 -14.56
C GLU B 173 1.68 6.20 -15.94
N THR B 174 2.10 4.94 -15.99
CA THR B 174 2.14 4.23 -17.26
C THR B 174 0.75 4.09 -17.84
N GLY B 175 -0.24 3.78 -17.01
CA GLY B 175 -1.61 3.71 -17.49
C GLY B 175 -2.10 5.05 -18.00
N TYR B 176 -1.80 6.10 -17.23
CA TYR B 176 -2.22 7.43 -17.58
C TYR B 176 -1.58 7.87 -18.89
N THR B 177 -0.27 7.65 -19.05
CA THR B 177 0.42 8.19 -20.23
C THR B 177 0.14 7.40 -21.50
N SER B 178 -0.26 6.14 -21.37
CA SER B 178 -0.49 5.30 -22.53
C SER B 178 -1.51 5.92 -23.49
N VAL B 179 -2.52 6.59 -22.95
CA VAL B 179 -3.58 7.19 -23.80
C VAL B 179 -3.48 8.70 -23.88
N THR B 180 -2.37 9.25 -23.43
CA THR B 180 -2.13 10.70 -23.55
C THR B 180 -0.90 11.01 -24.42
N THR B 181 0.24 10.42 -24.09
CA THR B 181 1.42 10.51 -24.96
C THR B 181 1.56 9.32 -25.93
N GLY B 182 1.01 8.16 -25.58
CA GLY B 182 1.27 6.92 -26.32
C GLY B 182 0.40 6.73 -27.55
N TYR B 183 -0.89 6.95 -27.38
CA TYR B 183 -1.92 6.85 -28.43
C TYR B 183 -2.80 8.10 -28.40
N ASP B 184 -3.55 8.32 -29.48
CA ASP B 184 -4.45 9.44 -29.60
C ASP B 184 -5.75 9.08 -28.87
N ILE B 185 -6.01 9.76 -27.76
CA ILE B 185 -7.19 9.45 -26.95
C ILE B 185 -8.51 9.63 -27.70
N ASN B 186 -8.50 10.46 -28.73
CA ASN B 186 -9.71 10.69 -29.52
C ASN B 186 -9.89 9.71 -30.67
N GLN B 187 -8.86 8.92 -30.95
CA GLN B 187 -8.89 7.95 -32.05
C GLN B 187 -8.13 6.69 -31.64
N LEU B 188 -8.50 6.07 -30.53
CA LEU B 188 -7.74 4.93 -30.04
C LEU B 188 -7.85 3.74 -31.02
N PRO B 189 -6.72 3.10 -31.36
CA PRO B 189 -6.78 1.99 -32.30
C PRO B 189 -7.20 0.63 -31.69
N PHE B 190 -7.46 0.61 -30.38
CA PHE B 190 -7.94 -0.59 -29.70
C PHE B 190 -9.18 -0.25 -28.88
N THR B 191 -10.03 -1.25 -28.66
CA THR B 191 -11.25 -1.10 -27.88
C THR B 191 -11.11 -1.59 -26.44
N ALA B 192 -10.05 -2.32 -26.15
CA ALA B 192 -9.82 -2.89 -24.82
C ALA B 192 -8.35 -2.84 -24.50
N ALA B 193 -8.05 -2.69 -23.22
CA ALA B 193 -6.69 -2.71 -22.70
C ALA B 193 -6.62 -3.68 -21.55
N ILE B 194 -5.59 -4.51 -21.57
CA ILE B 194 -5.25 -5.36 -20.47
C ILE B 194 -4.14 -4.67 -19.69
N ALA B 195 -4.43 -4.33 -18.44
CA ALA B 195 -3.50 -3.61 -17.58
C ALA B 195 -2.70 -4.59 -16.76
N THR B 196 -1.37 -4.48 -16.75
CA THR B 196 -0.53 -5.47 -16.07
C THR B 196 -0.56 -5.41 -14.55
N ALA B 197 -1.13 -4.35 -13.99
CA ALA B 197 -1.40 -4.23 -12.57
C ALA B 197 -2.61 -3.34 -12.36
N ASP B 198 -3.19 -3.42 -11.17
CA ASP B 198 -4.43 -2.67 -10.89
C ASP B 198 -4.23 -1.15 -11.06
N MSE B 199 -3.10 -0.63 -10.62
CA MSE B 199 -2.85 0.82 -10.71
C MSE B 199 -2.78 1.30 -12.14
O MSE B 199 -3.13 2.45 -12.43
CB MSE B 199 -1.58 1.23 -9.93
CG MSE B 199 -1.81 1.33 -8.45
SE MSE B 199 -3.05 2.86 -8.11
CE MSE B 199 -2.96 2.64 -6.15
N VAL B 200 -2.29 0.46 -13.05
CA VAL B 200 -2.28 0.81 -14.46
C VAL B 200 -3.72 1.02 -14.93
N GLY B 201 -4.61 0.12 -14.51
CA GLY B 201 -6.03 0.27 -14.77
C GLY B 201 -6.63 1.56 -14.27
N GLN B 202 -6.27 1.96 -13.05
CA GLN B 202 -6.76 3.21 -12.50
C GLN B 202 -6.24 4.42 -13.27
N GLY B 203 -4.98 4.35 -13.71
CA GLY B 203 -4.42 5.39 -14.57
C GLY B 203 -5.18 5.53 -15.87
N LEU B 204 -5.52 4.39 -16.49
CA LEU B 204 -6.37 4.43 -17.69
C LEU B 204 -7.73 5.07 -17.41
N ILE B 205 -8.41 4.63 -16.35
CA ILE B 205 -9.72 5.18 -16.00
C ILE B 205 -9.63 6.70 -15.85
N ASN B 206 -8.66 7.16 -15.09
CA ASN B 206 -8.55 8.58 -14.83
C ASN B 206 -8.17 9.38 -16.06
N ALA B 207 -7.30 8.84 -16.92
CA ALA B 207 -6.94 9.57 -18.14
C ALA B 207 -8.16 9.71 -19.02
N MSE B 208 -8.94 8.64 -19.15
CA MSE B 208 -10.17 8.70 -19.96
C MSE B 208 -11.13 9.71 -19.37
O MSE B 208 -11.60 10.62 -20.07
CB MSE B 208 -10.84 7.32 -20.09
CG MSE B 208 -10.00 6.22 -20.74
SE MSE B 208 -9.41 6.74 -22.56
CE MSE B 208 -11.07 6.43 -23.53
N SER B 209 -11.39 9.62 -18.08
CA SER B 209 -12.33 10.54 -17.44
CA SER B 209 -12.33 10.54 -17.42
C SER B 209 -11.87 11.99 -17.47
N ASP B 210 -10.58 12.22 -17.23
CA ASP B 210 -10.06 13.57 -17.25
C ASP B 210 -10.19 14.24 -18.61
N HIS B 211 -10.29 13.46 -19.68
CA HIS B 211 -10.39 13.99 -21.05
C HIS B 211 -11.82 13.87 -21.60
N GLY B 212 -12.79 13.72 -20.71
CA GLY B 212 -14.22 13.74 -21.05
C GLY B 212 -14.75 12.44 -21.64
N LYS B 213 -13.98 11.36 -21.52
CA LYS B 213 -14.40 10.04 -22.02
C LYS B 213 -14.93 9.21 -20.86
N THR B 214 -15.50 8.06 -21.19
CA THR B 214 -16.12 7.19 -20.18
C THR B 214 -15.70 5.73 -20.43
N VAL B 215 -15.30 5.05 -19.37
CA VAL B 215 -15.07 3.60 -19.40
C VAL B 215 -16.38 2.94 -18.97
N PRO B 216 -16.88 1.90 -19.66
CA PRO B 216 -16.21 1.20 -20.77
C PRO B 216 -16.61 1.61 -22.19
N GLU B 217 -17.52 2.58 -22.32
CA GLU B 217 -18.01 3.02 -23.62
C GLU B 217 -16.89 3.37 -24.59
N ASP B 218 -15.87 4.07 -24.10
CA ASP B 218 -14.75 4.54 -24.92
C ASP B 218 -13.48 3.70 -24.85
N LEU B 219 -13.47 2.73 -23.94
CA LEU B 219 -12.34 1.82 -23.72
C LEU B 219 -12.72 0.83 -22.63
N SER B 220 -12.56 -0.46 -22.92
CA SER B 220 -12.75 -1.52 -21.92
C SER B 220 -11.41 -1.81 -21.27
N ILE B 221 -11.46 -2.17 -19.99
CA ILE B 221 -10.25 -2.48 -19.21
C ILE B 221 -10.41 -3.74 -18.39
N VAL B 222 -9.37 -4.55 -18.40
CA VAL B 222 -9.22 -5.62 -17.45
C VAL B 222 -7.87 -5.52 -16.81
N THR B 223 -7.80 -5.65 -15.47
CA THR B 223 -6.50 -5.67 -14.80
C THR B 223 -6.07 -7.03 -14.29
N ILE B 224 -4.77 -7.14 -14.03
CA ILE B 224 -4.22 -8.28 -13.32
C ILE B 224 -3.82 -7.89 -11.88
N ASP B 225 -4.34 -8.67 -10.92
CA ASP B 225 -3.98 -8.71 -9.48
C ASP B 225 -5.26 -8.75 -8.65
N GLY B 226 -6.17 -7.82 -8.91
CA GLY B 226 -7.48 -7.84 -8.24
C GLY B 226 -7.42 -7.40 -6.79
N LEU B 227 -6.48 -6.53 -6.47
CA LEU B 227 -6.41 -5.91 -5.14
C LEU B 227 -7.50 -4.83 -4.97
N GLN B 228 -7.48 -4.21 -3.78
CA GLN B 228 -8.53 -3.26 -3.37
C GLN B 228 -8.85 -2.18 -4.39
N GLN B 229 -7.83 -1.68 -5.11
CA GLN B 229 -8.08 -0.59 -6.04
C GLN B 229 -9.10 -0.95 -7.11
N THR B 230 -9.22 -2.22 -7.49
CA THR B 230 -10.18 -2.62 -8.48
C THR B 230 -11.63 -2.46 -7.97
N GLU B 231 -11.82 -2.51 -6.65
CA GLU B 231 -13.14 -2.34 -6.01
C GLU B 231 -13.46 -0.87 -5.72
N ILE B 232 -12.42 -0.05 -5.59
CA ILE B 232 -12.53 1.38 -5.32
C ILE B 232 -12.72 2.20 -6.60
N ALA B 233 -12.22 1.67 -7.71
CA ALA B 233 -12.38 2.30 -9.00
C ALA B 233 -13.85 2.45 -9.35
N ARG B 234 -14.14 3.51 -10.10
CA ARG B 234 -15.46 3.71 -10.67
C ARG B 234 -15.26 4.05 -12.15
N PRO B 235 -15.68 3.16 -13.06
CA PRO B 235 -16.36 1.88 -12.75
C PRO B 235 -15.47 0.83 -12.13
N LYS B 236 -16.07 -0.06 -11.34
CA LYS B 236 -15.35 -1.13 -10.70
C LYS B 236 -14.69 -1.98 -11.76
N LEU B 237 -13.44 -2.33 -11.52
CA LEU B 237 -12.60 -2.97 -12.54
C LEU B 237 -12.74 -4.49 -12.60
N THR B 238 -13.04 -4.96 -13.79
CA THR B 238 -12.92 -6.37 -14.10
C THR B 238 -11.45 -6.74 -13.98
N THR B 239 -11.17 -7.90 -13.39
CA THR B 239 -9.81 -8.22 -12.96
C THR B 239 -9.59 -9.70 -12.81
N VAL B 240 -8.35 -10.12 -13.05
CA VAL B 240 -7.91 -11.45 -12.67
C VAL B 240 -7.33 -11.37 -11.28
N LYS B 241 -8.04 -11.93 -10.32
CA LYS B 241 -7.63 -11.88 -8.92
C LYS B 241 -6.66 -12.97 -8.56
N GLN B 242 -5.47 -12.59 -8.10
CA GLN B 242 -4.51 -13.54 -7.56
C GLN B 242 -4.78 -13.76 -6.07
N ASP B 243 -4.53 -14.98 -5.61
CA ASP B 243 -4.60 -15.26 -4.18
C ASP B 243 -3.22 -15.14 -3.53
N PHE B 244 -2.81 -13.89 -3.28
CA PHE B 244 -1.49 -13.63 -2.76
C PHE B 244 -1.25 -14.24 -1.37
N PRO B 245 -2.23 -14.15 -0.46
CA PRO B 245 -1.99 -14.83 0.82
C PRO B 245 -1.75 -16.34 0.68
N GLU B 246 -2.49 -17.00 -0.22
CA GLU B 246 -2.34 -18.42 -0.41
C GLU B 246 -0.95 -18.71 -0.99
N ILE B 247 -0.47 -17.88 -1.90
CA ILE B 247 0.90 -18.04 -2.41
C ILE B 247 1.87 -18.06 -1.24
N GLY B 248 1.69 -17.13 -0.29
CA GLY B 248 2.54 -17.08 0.87
C GLY B 248 2.44 -18.29 1.78
N ARG B 249 1.20 -18.70 2.09
CA ARG B 249 0.97 -19.84 2.96
C ARG B 249 1.55 -21.12 2.36
N ILE B 250 1.28 -21.34 1.09
CA ILE B 250 1.76 -22.56 0.41
C ILE B 250 3.28 -22.60 0.33
N ALA B 251 3.89 -21.46 0.09
CA ALA B 251 5.35 -21.37 0.06
C ALA B 251 5.99 -21.69 1.41
N MSE B 252 5.44 -21.16 2.50
CA MSE B 252 5.99 -21.45 3.82
C MSE B 252 5.80 -22.92 4.15
O MSE B 252 6.73 -23.58 4.69
CB MSE B 252 5.36 -20.57 4.89
CG MSE B 252 5.90 -20.87 6.30
SE MSE B 252 7.81 -20.41 6.41
CE MSE B 252 8.09 -21.13 8.23
N GLN B 253 4.63 -23.44 3.83
CA GLN B 253 4.34 -24.85 4.06
C GLN B 253 5.30 -25.77 3.26
N LEU B 254 5.60 -25.39 2.02
CA LEU B 254 6.63 -26.07 1.23
C LEU B 254 7.97 -26.13 1.97
N PHE B 255 8.37 -25.01 2.59
CA PHE B 255 9.61 -24.99 3.36
C PHE B 255 9.54 -25.94 4.56
N LEU B 256 8.47 -25.82 5.33
CA LEU B 256 8.23 -26.63 6.53
C LEU B 256 8.19 -28.14 6.24
N ASP B 257 7.65 -28.52 5.08
CA ASP B 257 7.50 -29.95 4.76
C ASP B 257 8.78 -30.62 4.27
N SER B 258 9.73 -29.85 3.76
CA SER B 258 11.00 -30.41 3.27
C SER B 258 11.92 -30.77 4.44
N PRO B 265 13.33 -29.73 -6.58
CA PRO B 265 12.64 -28.46 -6.77
C PRO B 265 11.33 -28.63 -7.55
N GLN B 266 10.47 -27.62 -7.49
CA GLN B 266 9.19 -27.67 -8.20
C GLN B 266 8.57 -26.28 -8.40
N ILE B 267 7.56 -26.22 -9.27
CA ILE B 267 6.69 -25.04 -9.42
C ILE B 267 5.29 -25.42 -8.99
N ILE B 268 4.75 -24.68 -8.02
CA ILE B 268 3.38 -24.87 -7.56
C ILE B 268 2.51 -23.70 -8.03
N TYR B 269 1.43 -24.00 -8.72
CA TYR B 269 0.54 -22.99 -9.29
C TYR B 269 -0.69 -22.82 -8.42
N ILE B 270 -0.98 -21.57 -8.05
CA ILE B 270 -2.18 -21.23 -7.31
C ILE B 270 -3.20 -20.68 -8.29
N PRO B 271 -4.45 -21.17 -8.26
CA PRO B 271 -5.42 -20.71 -9.27
C PRO B 271 -5.81 -19.23 -9.09
N THR B 272 -6.33 -18.68 -10.19
CA THR B 272 -6.83 -17.32 -10.22
C THR B 272 -8.25 -17.30 -10.70
N GLU B 273 -8.88 -16.14 -10.63
CA GLU B 273 -10.28 -16.01 -11.00
C GLU B 273 -10.48 -14.72 -11.72
N LEU B 274 -11.14 -14.79 -12.88
CA LEU B 274 -11.50 -13.60 -13.62
C LEU B 274 -12.84 -13.15 -13.04
N ILE B 275 -12.83 -11.98 -12.42
CA ILE B 275 -14.02 -11.41 -11.79
C ILE B 275 -14.58 -10.34 -12.70
N GLN B 276 -15.80 -10.57 -13.18
CA GLN B 276 -16.44 -9.65 -14.12
C GLN B 276 -17.18 -8.54 -13.37
N ARG B 277 -16.77 -7.29 -13.61
CA ARG B 277 -17.42 -6.15 -12.98
C ARG B 277 -17.97 -5.20 -14.06
N ASP B 278 -17.55 -3.93 -14.06
CA ASP B 278 -18.25 -2.89 -14.78
C ASP B 278 -17.40 -2.18 -15.82
N SER B 279 -16.17 -2.66 -16.02
CA SER B 279 -15.23 -1.97 -16.90
C SER B 279 -15.07 -2.56 -18.30
N VAL B 280 -15.96 -3.47 -18.71
CA VAL B 280 -15.90 -4.05 -20.06
C VAL B 280 -17.21 -3.94 -20.81
N LEU B 281 -17.12 -3.47 -22.05
CA LEU B 281 -18.28 -3.36 -22.94
C LEU B 281 -18.41 -4.60 -23.81
N ASN B 282 -19.64 -5.13 -23.91
CA ASN B 282 -19.94 -6.21 -24.86
C ASN B 282 -20.19 -5.58 -26.22
N LEU B 283 -19.27 -5.79 -27.15
CA LEU B 283 -19.36 -5.13 -28.45
C LEU B 283 -20.38 -5.84 -29.36
N ASN B 284 -20.80 -7.04 -28.96
CA ASN B 284 -21.87 -7.74 -29.69
C ASN B 284 -23.28 -7.19 -29.36
N SER B 285 -23.42 -6.63 -28.15
CA SER B 285 -24.71 -6.28 -27.54
C SER B 285 -25.70 -5.59 -28.49
C1 GLC C . -1.34 6.33 12.11
C2 GLC C . -0.39 7.52 12.20
C3 GLC C . -1.03 8.83 11.76
C4 GLC C . -1.77 8.63 10.45
C5 GLC C . -2.85 7.57 10.67
C6 GLC C . -3.64 7.27 9.39
O1 GLC C . -2.12 6.34 13.25
O2 GLC C . 0.06 7.70 13.54
O3 GLC C . 0.05 9.75 11.62
O4 GLC C . -2.29 9.83 10.00
O5 GLC C . -2.28 6.34 11.04
O6 GLC C . -2.80 6.78 8.40
C1 GLC D . 5.01 -8.64 -10.12
C2 GLC D . 4.37 -10.00 -9.80
C3 GLC D . 3.04 -10.20 -10.54
C4 GLC D . 2.16 -8.97 -10.37
C5 GLC D . 2.94 -7.75 -10.88
C6 GLC D . 2.01 -6.54 -10.82
O1 GLC D . 5.54 -8.73 -11.42
O2 GLC D . 5.25 -11.08 -10.17
O3 GLC D . 2.40 -11.36 -10.03
O4 GLC D . 0.95 -9.12 -11.09
O5 GLC D . 4.08 -7.59 -10.06
O6 GLC D . 1.71 -6.21 -9.48
#